data_7V9D
#
_entry.id   7V9D
#
_cell.length_a   103.560
_cell.length_b   103.560
_cell.length_c   127.530
_cell.angle_alpha   90.000
_cell.angle_beta   90.000
_cell.angle_gamma   120.000
#
_symmetry.space_group_name_H-M   'P 32 2 1'
#
loop_
_entity.id
_entity.type
_entity.pdbx_description
1 polymer 'Proline--tRNA ligase'
2 non-polymer ~{N}-[4-[(3~{S})-3-cyano-3-cyclopropyl-2-oxidanylidene-pyrrolidin-1-yl]-6-methyl-pyridin-2-yl]-2-phenyl-ethanamide
3 non-polymer '(2S)-azetidine-2-carboxylic acid'
4 non-polymer 1,2-ETHANEDIOL
5 non-polymer 'ACETATE ION'
6 non-polymer 1,4-BUTANEDIOL
7 water water
#
_entity_poly.entity_id   1
_entity_poly.type   'polypeptide(L)'
_entity_poly.pdbx_seq_one_letter_code
;GAMAITSKKIENFSDWYTQVIVKSELIEYYDISGCYILRPAAYYIWECVQAFFNKEIKKLNVENSYFPLFVTKNKLEKEK
NHIEGFSPEVAWVTKYGDSNLPEEIAIRPTSETIMYSVFPKWIRSYRDLPLKLNQWNTVVRWEFKQPTPFIRTREFLWQE
GHTAHKNEEEAVKLVFDILDLYRRWYEEYLAVPIIKGIKSEGEKFGGANFTSTAEAFISENGRAIQAATSHYLGTNFAKM
FKIEFEDENEVKQYVHQTSWGCTTRSIGIMIMTHGDDKGLVLPPNVSKYKVVIVPIFYKTTDENAIHSYCKDIEKILKNA
QINCVYDDRASYSPGYKFNHWELRGIPIRIEVGPKDLQNNSCVIVRRDNNEKCNVKKESVLLETQQMLVDIHKNLFLKAK
KKLDDSIVQVTSFSEVMNALNKKKMVLAPWCEDIATEEEIKKETQRLSLNQTNSETTLSGAMKPLCIPLDQPPMPPNMKC
FWSGKPAKRWCLFGRSY
;
_entity_poly.pdbx_strand_id   A
#
loop_
_chem_comp.id
_chem_comp.type
_chem_comp.name
_chem_comp.formula
ACT non-polymer 'ACETATE ION' 'C2 H3 O2 -1'
BU1 non-polymer 1,4-BUTANEDIOL 'C4 H10 O2'
EDO non-polymer 1,2-ETHANEDIOL 'C2 H6 O2'
JE6 non-polymer ~{N}-[4-[(3~{S})-3-cyano-3-cyclopropyl-2-oxidanylidene-pyrrolidin-1-yl]-6-methyl-pyridin-2-yl]-2-phenyl-ethanamide 'C22 H22 N4 O2'
#
# COMPACT_ATOMS: atom_id res chain seq x y z
N ALA A 4 -20.58 -16.48 -6.86
CA ALA A 4 -19.73 -17.02 -5.81
C ALA A 4 -18.25 -16.99 -6.22
N ILE A 5 -17.39 -16.78 -5.23
CA ILE A 5 -15.95 -17.02 -5.45
C ILE A 5 -15.75 -18.52 -5.61
N THR A 6 -15.19 -18.94 -6.74
CA THR A 6 -15.06 -20.35 -7.04
C THR A 6 -13.64 -20.89 -6.87
N SER A 7 -12.67 -20.05 -6.51
CA SER A 7 -11.35 -20.53 -6.15
C SER A 7 -11.04 -20.13 -4.72
N LYS A 8 -10.44 -21.06 -3.97
CA LYS A 8 -10.09 -20.82 -2.58
C LYS A 8 -8.81 -20.01 -2.50
N LYS A 9 -8.76 -19.10 -1.52
CA LYS A 9 -7.60 -18.25 -1.32
C LYS A 9 -6.32 -19.08 -1.17
N ILE A 10 -6.38 -20.14 -0.35
CA ILE A 10 -5.18 -20.94 -0.08
C ILE A 10 -4.81 -21.88 -1.22
N GLU A 11 -5.75 -22.20 -2.13
CA GLU A 11 -5.50 -23.20 -3.16
C GLU A 11 -5.11 -22.60 -4.50
N ASN A 12 -5.76 -21.53 -4.95
CA ASN A 12 -5.39 -20.88 -6.21
C ASN A 12 -5.48 -19.37 -5.97
N PHE A 13 -4.40 -18.84 -5.38
CA PHE A 13 -4.41 -17.47 -4.88
C PHE A 13 -4.70 -16.47 -5.98
N SER A 14 -4.02 -16.60 -7.13
CA SER A 14 -4.15 -15.58 -8.18
C SER A 14 -5.56 -15.56 -8.76
N ASP A 15 -6.15 -16.74 -8.99
CA ASP A 15 -7.52 -16.77 -9.50
C ASP A 15 -8.50 -16.29 -8.44
N TRP A 16 -8.25 -16.62 -7.17
CA TRP A 16 -9.07 -16.07 -6.09
C TRP A 16 -9.05 -14.54 -6.14
N TYR A 17 -7.85 -13.97 -6.26
CA TYR A 17 -7.70 -12.51 -6.22
C TYR A 17 -8.45 -11.85 -7.35
N THR A 18 -8.26 -12.34 -8.58
CA THR A 18 -8.92 -11.72 -9.71
C THR A 18 -10.45 -11.83 -9.58
N GLN A 19 -10.94 -12.98 -9.12
CA GLN A 19 -12.38 -13.12 -8.89
C GLN A 19 -12.88 -12.12 -7.84
N VAL A 20 -12.16 -11.97 -6.74
CA VAL A 20 -12.62 -11.10 -5.67
C VAL A 20 -12.70 -9.65 -6.13
N ILE A 21 -11.65 -9.19 -6.82
CA ILE A 21 -11.64 -7.76 -7.17
C ILE A 21 -12.68 -7.45 -8.26
N VAL A 22 -12.98 -8.40 -9.15
CA VAL A 22 -14.00 -8.13 -10.16
C VAL A 22 -15.41 -8.26 -9.57
N LYS A 23 -15.68 -9.38 -8.89
CA LYS A 23 -17.04 -9.64 -8.42
C LYS A 23 -17.44 -8.74 -7.25
N SER A 24 -16.48 -8.21 -6.50
CA SER A 24 -16.84 -7.20 -5.50
C SER A 24 -16.95 -5.79 -6.08
N GLU A 25 -16.78 -5.62 -7.40
CA GLU A 25 -16.92 -4.33 -8.09
C GLU A 25 -15.87 -3.30 -7.64
N LEU A 26 -14.66 -3.76 -7.32
CA LEU A 26 -13.55 -2.84 -7.08
C LEU A 26 -12.89 -2.40 -8.38
N ILE A 27 -12.74 -3.33 -9.32
CA ILE A 27 -11.86 -3.19 -10.45
C ILE A 27 -12.61 -3.59 -11.70
N GLU A 28 -12.38 -2.86 -12.79
CA GLU A 28 -12.78 -3.33 -14.10
C GLU A 28 -11.54 -3.42 -14.96
N TYR A 29 -11.40 -4.52 -15.69
CA TYR A 29 -10.28 -4.68 -16.62
C TYR A 29 -10.50 -3.78 -17.85
N TYR A 30 -9.44 -3.62 -18.62
CA TYR A 30 -9.38 -2.61 -19.67
C TYR A 30 -8.65 -3.19 -20.86
N ASP A 31 -8.86 -2.58 -22.03
CA ASP A 31 -8.27 -3.11 -23.25
C ASP A 31 -6.84 -2.63 -23.48
N ILE A 32 -6.19 -2.09 -22.46
CA ILE A 32 -4.74 -1.89 -22.45
C ILE A 32 -4.20 -2.65 -21.25
N SER A 33 -3.31 -3.60 -21.51
CA SER A 33 -2.80 -4.45 -20.44
C SER A 33 -2.08 -3.63 -19.37
N GLY A 34 -2.28 -4.00 -18.11
CA GLY A 34 -1.61 -3.30 -17.03
C GLY A 34 -2.26 -2.01 -16.60
N CYS A 35 -3.40 -1.66 -17.19
CA CYS A 35 -4.20 -0.51 -16.79
C CYS A 35 -5.54 -1.02 -16.29
N TYR A 36 -6.02 -0.46 -15.19
CA TYR A 36 -7.24 -0.94 -14.56
C TYR A 36 -8.11 0.23 -14.13
N ILE A 37 -9.41 0.05 -14.27
CA ILE A 37 -10.38 1.04 -13.83
C ILE A 37 -10.65 0.85 -12.34
N LEU A 38 -10.55 1.94 -11.58
CA LEU A 38 -10.97 1.94 -10.17
C LEU A 38 -12.43 2.34 -10.11
N ARG A 39 -13.30 1.36 -9.86
CA ARG A 39 -14.73 1.62 -9.70
C ARG A 39 -14.96 2.34 -8.37
N PRO A 40 -16.16 2.89 -8.14
CA PRO A 40 -16.38 3.69 -6.91
C PRO A 40 -16.00 3.02 -5.59
N ALA A 41 -16.19 1.71 -5.43
CA ALA A 41 -15.86 1.09 -4.15
C ALA A 41 -14.37 1.15 -3.86
N ALA A 42 -13.54 1.02 -4.89
CA ALA A 42 -12.10 1.12 -4.71
C ALA A 42 -11.65 2.57 -4.52
N TYR A 43 -12.22 3.48 -5.33
CA TYR A 43 -11.84 4.88 -5.21
C TYR A 43 -12.23 5.46 -3.86
N TYR A 44 -13.31 4.96 -3.26
CA TYR A 44 -13.68 5.43 -1.93
C TYR A 44 -12.57 5.14 -0.91
N ILE A 45 -11.95 3.96 -1.00
CA ILE A 45 -10.85 3.66 -0.09
C ILE A 45 -9.71 4.65 -0.30
N TRP A 46 -9.38 4.89 -1.58
CA TRP A 46 -8.36 5.89 -1.88
C TRP A 46 -8.69 7.24 -1.24
N GLU A 47 -9.94 7.70 -1.36
CA GLU A 47 -10.31 9.00 -0.78
C GLU A 47 -10.14 9.00 0.74
N CYS A 48 -10.51 7.91 1.41
CA CYS A 48 -10.30 7.85 2.86
C CYS A 48 -8.85 8.04 3.24
N VAL A 49 -7.95 7.28 2.59
CA VAL A 49 -6.56 7.39 3.03
C VAL A 49 -5.95 8.72 2.58
N GLN A 50 -6.44 9.26 1.46
CA GLN A 50 -6.03 10.58 1.03
C GLN A 50 -6.38 11.63 2.08
N ALA A 51 -7.60 11.56 2.63
CA ALA A 51 -8.00 12.54 3.65
C ALA A 51 -7.12 12.42 4.88
N PHE A 52 -6.87 11.19 5.32
CA PHE A 52 -6.01 11.02 6.48
C PHE A 52 -4.61 11.61 6.23
N PHE A 53 -4.01 11.24 5.10
CA PHE A 53 -2.62 11.62 4.87
C PHE A 53 -2.49 13.12 4.68
N ASN A 54 -3.45 13.75 3.99
CA ASN A 54 -3.49 15.20 3.87
C ASN A 54 -3.50 15.86 5.24
N LYS A 55 -4.39 15.40 6.12
CA LYS A 55 -4.46 15.98 7.46
C LYS A 55 -3.10 15.86 8.15
N GLU A 56 -2.45 14.71 8.02
CA GLU A 56 -1.21 14.53 8.78
C GLU A 56 -0.03 15.32 8.18
N ILE A 57 0.09 15.38 6.85
CA ILE A 57 1.23 16.11 6.28
C ILE A 57 1.02 17.62 6.41
N LYS A 58 -0.23 18.09 6.49
CA LYS A 58 -0.45 19.51 6.80
C LYS A 58 0.20 19.89 8.13
N LYS A 59 0.16 19.00 9.12
CA LYS A 59 0.80 19.29 10.41
C LYS A 59 2.31 19.44 10.29
N LEU A 60 2.93 18.83 9.29
CA LEU A 60 4.34 19.00 9.01
C LEU A 60 4.61 20.16 8.05
N ASN A 61 3.58 20.95 7.72
CA ASN A 61 3.70 22.11 6.84
C ASN A 61 4.02 21.74 5.40
N VAL A 62 3.66 20.54 4.97
CA VAL A 62 3.74 20.18 3.56
C VAL A 62 2.53 20.78 2.86
N GLU A 63 2.72 21.35 1.67
CA GLU A 63 1.62 21.96 0.91
C GLU A 63 1.40 21.23 -0.41
N ASN A 64 0.15 20.97 -0.75
CA ASN A 64 -0.14 20.29 -2.01
C ASN A 64 0.09 21.22 -3.19
N SER A 65 0.41 20.62 -4.33
CA SER A 65 0.69 21.37 -5.55
C SER A 65 0.37 20.47 -6.72
N TYR A 66 0.54 20.98 -7.94
CA TYR A 66 0.41 20.13 -9.11
C TYR A 66 1.39 20.56 -10.19
N PHE A 67 2.21 19.61 -10.66
CA PHE A 67 3.22 19.82 -11.68
C PHE A 67 2.85 19.08 -12.96
N PRO A 68 3.47 19.42 -14.09
CA PRO A 68 3.04 18.85 -15.37
C PRO A 68 3.26 17.36 -15.47
N LEU A 69 2.39 16.73 -16.26
CA LEU A 69 2.50 15.32 -16.60
C LEU A 69 3.74 15.03 -17.44
N PHE A 70 4.28 16.02 -18.14
CA PHE A 70 5.29 15.81 -19.17
C PHE A 70 6.63 16.40 -18.76
N VAL A 71 7.71 15.78 -19.25
CA VAL A 71 9.08 16.26 -19.02
C VAL A 71 9.87 16.17 -20.32
N THR A 72 10.79 17.12 -20.53
CA THR A 72 11.64 17.16 -21.70
C THR A 72 12.88 16.26 -21.52
N LYS A 73 13.45 15.85 -22.64
CA LYS A 73 14.70 15.07 -22.59
C LYS A 73 15.76 15.79 -21.77
N ASN A 74 15.84 17.07 -21.96
CA ASN A 74 16.73 17.96 -21.30
C ASN A 74 16.74 17.79 -19.81
N LYS A 75 15.59 17.98 -19.20
CA LYS A 75 15.46 17.86 -17.76
C LYS A 75 15.54 16.40 -17.31
N LEU A 76 15.01 15.48 -18.13
CA LEU A 76 14.95 14.09 -17.72
C LEU A 76 16.33 13.47 -17.58
N GLU A 77 17.33 13.95 -18.33
CA GLU A 77 18.63 13.29 -18.29
C GLU A 77 19.61 13.89 -17.30
N LYS A 78 19.34 15.08 -16.77
CA LYS A 78 20.18 15.65 -15.72
C LYS A 78 20.44 14.65 -14.61
N GLU A 79 19.48 13.77 -14.36
CA GLU A 79 19.63 12.67 -13.43
C GLU A 79 20.44 11.54 -14.06
N LYS A 80 21.44 11.03 -13.34
CA LYS A 80 22.32 10.00 -13.87
C LYS A 80 21.90 8.59 -13.43
N ASN A 81 21.95 8.32 -12.12
CA ASN A 81 21.46 7.03 -11.63
C ASN A 81 19.94 6.93 -11.71
N HIS A 82 19.26 8.07 -11.56
CA HIS A 82 17.80 8.12 -11.63
C HIS A 82 17.28 7.71 -13.01
N ILE A 83 17.81 8.33 -14.08
CA ILE A 83 17.36 7.99 -15.42
C ILE A 83 17.87 6.61 -15.82
N GLU A 84 19.06 6.22 -15.37
CA GLU A 84 19.50 4.84 -15.62
C GLU A 84 18.51 3.85 -15.02
N GLY A 85 17.91 4.20 -13.88
CA GLY A 85 16.88 3.35 -13.31
C GLY A 85 15.61 3.32 -14.15
N PHE A 86 15.11 4.49 -14.57
CA PHE A 86 13.76 4.55 -15.14
C PHE A 86 13.68 4.47 -16.67
N SER A 87 14.79 4.64 -17.39
CA SER A 87 14.76 4.97 -18.82
C SER A 87 13.99 3.99 -19.70
N PRO A 88 14.14 2.67 -19.57
CA PRO A 88 13.43 1.78 -20.51
C PRO A 88 11.92 1.68 -20.26
N GLU A 89 11.39 2.22 -19.16
CA GLU A 89 9.96 2.19 -18.91
C GLU A 89 9.33 3.58 -18.94
N VAL A 90 10.08 4.59 -19.39
CA VAL A 90 9.51 5.92 -19.62
C VAL A 90 8.76 5.92 -20.95
N ALA A 91 7.50 6.33 -20.91
CA ALA A 91 6.68 6.41 -22.11
C ALA A 91 6.82 7.78 -22.79
N TRP A 92 6.95 7.78 -24.13
CA TRP A 92 7.24 8.99 -24.89
C TRP A 92 6.06 9.35 -25.79
N VAL A 93 5.63 10.61 -25.71
CA VAL A 93 4.66 11.19 -26.64
C VAL A 93 5.43 11.75 -27.83
N THR A 94 5.03 11.37 -29.06
CA THR A 94 5.75 11.83 -30.23
C THR A 94 4.87 12.48 -31.30
N LYS A 95 3.55 12.51 -31.12
CA LYS A 95 2.63 12.90 -32.18
C LYS A 95 1.40 13.58 -31.57
N TYR A 96 0.90 14.60 -32.25
CA TYR A 96 -0.43 15.16 -31.97
C TYR A 96 -1.26 14.99 -33.24
N GLY A 97 -2.40 14.31 -33.12
CA GLY A 97 -3.09 13.90 -34.33
C GLY A 97 -2.17 13.05 -35.18
N ASP A 98 -2.08 13.39 -36.47
CA ASP A 98 -1.19 12.71 -37.40
C ASP A 98 0.15 13.44 -37.59
N SER A 99 0.38 14.55 -36.90
CA SER A 99 1.60 15.32 -37.06
C SER A 99 2.58 14.97 -35.96
N ASN A 100 3.86 14.92 -36.31
CA ASN A 100 4.88 14.66 -35.31
C ASN A 100 5.11 15.90 -34.46
N LEU A 101 5.28 15.70 -33.16
CA LEU A 101 5.67 16.78 -32.27
C LEU A 101 7.02 17.35 -32.72
N PRO A 102 7.23 18.66 -32.59
CA PRO A 102 8.57 19.23 -32.87
C PRO A 102 9.65 18.66 -31.97
N GLU A 103 9.29 18.23 -30.77
CA GLU A 103 10.24 17.61 -29.86
C GLU A 103 9.46 16.60 -29.05
N GLU A 104 9.92 15.34 -29.00
CA GLU A 104 9.17 14.36 -28.23
C GLU A 104 9.33 14.63 -26.74
N ILE A 105 8.27 14.31 -25.98
CA ILE A 105 8.21 14.60 -24.56
C ILE A 105 7.81 13.34 -23.81
N ALA A 106 8.25 13.23 -22.56
CA ALA A 106 8.07 12.01 -21.79
C ALA A 106 6.99 12.18 -20.72
N ILE A 107 6.31 11.10 -20.41
CA ILE A 107 5.35 11.08 -19.30
C ILE A 107 6.08 10.74 -18.01
N ARG A 108 5.76 11.46 -16.94
CA ARG A 108 6.40 11.27 -15.65
C ARG A 108 6.26 9.83 -15.13
N PRO A 109 7.38 9.17 -14.79
CA PRO A 109 7.30 7.97 -13.95
C PRO A 109 7.35 8.31 -12.46
N THR A 110 7.71 9.55 -12.14
CA THR A 110 7.90 10.15 -10.83
C THR A 110 8.38 11.55 -11.16
N SER A 111 8.25 12.48 -10.20
CA SER A 111 8.35 13.88 -10.62
C SER A 111 9.61 14.60 -10.12
N GLU A 112 10.65 13.88 -9.66
CA GLU A 112 11.89 14.56 -9.24
C GLU A 112 12.42 15.51 -10.32
N THR A 113 12.58 15.02 -11.55
CA THR A 113 13.24 15.89 -12.54
C THR A 113 12.34 17.06 -12.92
N ILE A 114 11.02 16.83 -12.94
CA ILE A 114 10.07 17.90 -13.26
C ILE A 114 10.10 19.01 -12.20
N MET A 115 9.94 18.63 -10.91
CA MET A 115 9.90 19.63 -9.83
C MET A 115 11.26 20.29 -9.61
N TYR A 116 12.32 19.49 -9.60
CA TYR A 116 13.61 20.07 -9.29
C TYR A 116 14.15 20.92 -10.43
N SER A 117 13.59 20.81 -11.65
CA SER A 117 13.97 21.76 -12.69
C SER A 117 13.70 23.22 -12.28
N VAL A 118 12.71 23.47 -11.43
CA VAL A 118 12.38 24.84 -11.01
C VAL A 118 12.74 25.12 -9.56
N PHE A 119 13.07 24.11 -8.76
CA PHE A 119 13.52 24.40 -7.39
C PHE A 119 14.60 25.48 -7.28
N PRO A 120 15.60 25.58 -8.17
CA PRO A 120 16.62 26.63 -7.99
C PRO A 120 16.08 28.05 -8.03
N LYS A 121 14.96 28.30 -8.70
CA LYS A 121 14.36 29.63 -8.70
C LYS A 121 13.65 29.93 -7.39
N TRP A 122 13.18 28.90 -6.69
CA TRP A 122 12.45 29.08 -5.46
C TRP A 122 13.34 29.11 -4.21
N ILE A 123 14.55 28.58 -4.32
CA ILE A 123 15.44 28.44 -3.17
C ILE A 123 16.70 29.22 -3.51
N ARG A 124 16.87 30.38 -2.88
CA ARG A 124 18.08 31.16 -3.02
C ARG A 124 18.76 31.45 -1.69
N SER A 125 18.03 31.42 -0.59
CA SER A 125 18.55 31.80 0.71
C SER A 125 18.10 30.79 1.75
N TYR A 126 18.81 30.76 2.87
CA TYR A 126 18.35 29.95 4.00
C TYR A 126 16.94 30.35 4.43
N ARG A 127 16.51 31.57 4.12
CA ARG A 127 15.15 32.01 4.43
C ARG A 127 14.09 31.24 3.66
N ASP A 128 14.45 30.63 2.54
CA ASP A 128 13.52 29.90 1.70
C ASP A 128 13.34 28.45 2.15
N LEU A 129 13.98 28.07 3.24
CA LEU A 129 13.96 26.67 3.62
C LEU A 129 13.26 26.49 4.96
N PRO A 130 12.63 25.34 5.20
CA PRO A 130 12.52 24.23 4.24
C PRO A 130 11.41 24.45 3.23
N LEU A 131 11.55 23.82 2.06
CA LEU A 131 10.50 23.80 1.05
C LEU A 131 9.85 22.44 1.12
N LYS A 132 8.50 22.40 1.21
CA LYS A 132 7.79 21.15 1.44
C LYS A 132 6.58 21.06 0.52
N LEU A 133 6.60 20.12 -0.43
CA LEU A 133 5.56 20.00 -1.43
C LEU A 133 5.05 18.57 -1.51
N ASN A 134 3.80 18.43 -1.93
CA ASN A 134 3.22 17.12 -2.21
C ASN A 134 2.36 17.23 -3.45
N GLN A 135 2.26 16.12 -4.19
CA GLN A 135 1.28 16.04 -5.29
C GLN A 135 0.45 14.79 -5.11
N TRP A 136 -0.85 14.91 -5.39
CA TRP A 136 -1.72 13.76 -5.64
C TRP A 136 -1.88 13.65 -7.15
N ASN A 137 -1.31 12.61 -7.76
CA ASN A 137 -1.38 12.54 -9.24
C ASN A 137 -1.32 11.07 -9.67
N THR A 138 -1.17 10.84 -10.99
CA THR A 138 -0.84 9.51 -11.46
C THR A 138 0.49 9.55 -12.20
N VAL A 139 1.17 8.42 -12.19
CA VAL A 139 2.43 8.29 -12.91
C VAL A 139 2.36 7.02 -13.74
N VAL A 140 3.29 6.92 -14.69
CA VAL A 140 3.30 5.87 -15.69
C VAL A 140 4.66 5.20 -15.70
N ARG A 141 4.66 3.88 -15.53
CA ARG A 141 5.89 3.09 -15.59
C ARG A 141 5.55 1.90 -16.48
N TRP A 142 5.98 1.98 -17.74
CA TRP A 142 5.43 1.11 -18.79
C TRP A 142 6.31 -0.13 -18.96
N GLU A 143 6.21 -1.02 -17.98
CA GLU A 143 7.03 -2.22 -18.00
C GLU A 143 6.31 -3.34 -18.74
N PHE A 144 7.08 -4.36 -19.14
CA PHE A 144 6.52 -5.53 -19.80
C PHE A 144 6.57 -6.78 -18.94
N LYS A 145 6.84 -6.62 -17.65
CA LYS A 145 6.64 -7.70 -16.70
C LYS A 145 5.14 -7.91 -16.48
N GLN A 146 4.80 -9.02 -15.83
CA GLN A 146 3.40 -9.34 -15.57
C GLN A 146 2.82 -8.30 -14.62
N PRO A 147 1.74 -7.64 -14.98
CA PRO A 147 1.08 -6.70 -14.06
C PRO A 147 0.16 -7.44 -13.11
N THR A 148 -0.17 -6.77 -12.01
CA THR A 148 -1.13 -7.30 -11.05
C THR A 148 -2.01 -6.14 -10.64
N PRO A 149 -3.33 -6.27 -10.77
CA PRO A 149 -4.23 -5.17 -10.40
C PRO A 149 -3.91 -4.69 -8.99
N PHE A 150 -3.89 -3.36 -8.82
CA PHE A 150 -3.50 -2.66 -7.61
C PHE A 150 -2.01 -2.76 -7.30
N ILE A 151 -1.42 -3.96 -7.42
CA ILE A 151 -0.07 -4.19 -6.88
C ILE A 151 1.02 -3.66 -7.80
N ARG A 152 0.93 -3.98 -9.10
CA ARG A 152 1.96 -3.63 -10.08
C ARG A 152 1.26 -3.23 -11.36
N THR A 153 1.12 -1.93 -11.60
CA THR A 153 0.35 -1.49 -12.75
C THR A 153 1.19 -0.50 -13.57
N ARG A 154 0.81 -0.33 -14.83
CA ARG A 154 1.54 0.58 -15.69
C ARG A 154 1.20 2.04 -15.43
N GLU A 155 -0.04 2.33 -15.01
CA GLU A 155 -0.42 3.64 -14.52
C GLU A 155 -0.95 3.46 -13.12
N PHE A 156 -0.59 4.37 -12.21
CA PHE A 156 -1.17 4.25 -10.88
C PHE A 156 -1.28 5.62 -10.22
N LEU A 157 -2.30 5.72 -9.37
CA LEU A 157 -2.50 6.86 -8.49
C LEU A 157 -1.55 6.77 -7.30
N TRP A 158 -1.04 7.92 -6.88
CA TRP A 158 -0.24 7.95 -5.67
C TRP A 158 -0.23 9.38 -5.14
N GLN A 159 0.52 9.54 -4.10
CA GLN A 159 0.96 10.82 -3.64
C GLN A 159 2.50 10.74 -3.66
N GLU A 160 3.14 11.80 -4.07
CA GLU A 160 4.60 11.94 -4.00
C GLU A 160 4.93 13.25 -3.30
N GLY A 161 5.65 13.14 -2.18
CA GLY A 161 6.12 14.30 -1.44
C GLY A 161 7.60 14.54 -1.69
N HIS A 162 7.98 15.81 -1.65
CA HIS A 162 9.33 16.26 -1.95
C HIS A 162 9.66 17.42 -1.04
N THR A 163 10.76 17.30 -0.27
CA THR A 163 11.15 18.39 0.60
C THR A 163 12.63 18.71 0.42
N ALA A 164 13.00 19.93 0.81
CA ALA A 164 14.35 20.44 0.74
C ALA A 164 14.65 21.18 2.03
N HIS A 165 15.83 20.90 2.62
CA HIS A 165 16.19 21.35 3.95
C HIS A 165 17.60 21.93 3.96
N LYS A 166 17.89 22.69 5.01
CA LYS A 166 19.18 23.33 5.14
C LYS A 166 20.29 22.36 5.56
N ASN A 167 19.95 21.18 6.10
CA ASN A 167 20.99 20.26 6.53
C ASN A 167 20.46 18.84 6.55
N GLU A 168 21.34 17.90 6.89
CA GLU A 168 21.01 16.49 6.86
C GLU A 168 20.07 16.10 7.99
N GLU A 169 20.31 16.62 9.20
CA GLU A 169 19.54 16.19 10.36
C GLU A 169 18.03 16.42 10.17
N GLU A 170 17.67 17.62 9.70
CA GLU A 170 16.26 17.95 9.49
C GLU A 170 15.62 17.07 8.43
N ALA A 171 16.33 16.86 7.31
CA ALA A 171 15.80 16.02 6.24
C ALA A 171 15.58 14.59 6.72
N VAL A 172 16.57 14.01 7.40
CA VAL A 172 16.44 12.62 7.84
C VAL A 172 15.30 12.48 8.84
N LYS A 173 15.15 13.46 9.75
CA LYS A 173 14.02 13.39 10.67
CA LYS A 173 14.01 13.40 10.68
C LYS A 173 12.70 13.40 9.92
N LEU A 174 12.58 14.24 8.89
CA LEU A 174 11.33 14.21 8.12
C LEU A 174 11.14 12.86 7.43
N VAL A 175 12.21 12.27 6.91
CA VAL A 175 12.12 10.95 6.27
C VAL A 175 11.41 9.96 7.20
N PHE A 176 11.87 9.90 8.46
CA PHE A 176 11.29 8.91 9.36
C PHE A 176 9.94 9.32 9.91
N ASP A 177 9.65 10.63 10.03
CA ASP A 177 8.29 11.07 10.36
C ASP A 177 7.30 10.59 9.29
N ILE A 178 7.67 10.76 8.02
CA ILE A 178 6.80 10.30 6.93
C ILE A 178 6.62 8.79 7.00
N LEU A 179 7.73 8.06 7.24
CA LEU A 179 7.64 6.61 7.32
C LEU A 179 6.65 6.17 8.40
N ASP A 180 6.62 6.87 9.54
CA ASP A 180 5.62 6.50 10.55
C ASP A 180 4.21 6.90 10.12
N LEU A 181 4.05 7.98 9.37
CA LEU A 181 2.73 8.27 8.82
C LEU A 181 2.24 7.14 7.93
N TYR A 182 3.16 6.52 7.15
CA TYR A 182 2.77 5.37 6.32
C TYR A 182 2.41 4.16 7.18
N ARG A 183 3.17 3.94 8.26
CA ARG A 183 2.78 2.94 9.25
C ARG A 183 1.34 3.15 9.71
N ARG A 184 0.97 4.40 10.00
CA ARG A 184 -0.39 4.67 10.49
C ARG A 184 -1.44 4.51 9.38
N TRP A 185 -1.11 4.95 8.17
CA TRP A 185 -2.00 4.75 7.02
C TRP A 185 -2.37 3.28 6.87
N TYR A 186 -1.36 2.41 6.99
CA TYR A 186 -1.64 0.99 6.83
C TYR A 186 -2.34 0.38 8.05
N GLU A 187 -1.94 0.78 9.26
CA GLU A 187 -2.48 0.11 10.44
C GLU A 187 -3.86 0.63 10.83
N GLU A 188 -4.03 1.94 10.86
CA GLU A 188 -5.25 2.55 11.40
C GLU A 188 -6.39 2.61 10.41
N TYR A 189 -6.10 2.58 9.11
CA TYR A 189 -7.15 2.58 8.13
C TYR A 189 -7.28 1.25 7.40
N LEU A 190 -6.17 0.59 7.09
CA LEU A 190 -6.24 -0.64 6.32
C LEU A 190 -6.06 -1.89 7.19
N ALA A 191 -5.74 -1.71 8.47
CA ALA A 191 -5.55 -2.81 9.42
C ALA A 191 -4.47 -3.78 8.95
N VAL A 192 -3.41 -3.24 8.34
CA VAL A 192 -2.31 -4.01 7.76
C VAL A 192 -1.04 -3.69 8.53
N PRO A 193 -0.36 -4.67 9.10
CA PRO A 193 0.92 -4.41 9.75
C PRO A 193 2.07 -4.38 8.75
N ILE A 194 3.05 -3.52 9.00
CA ILE A 194 4.22 -3.43 8.12
C ILE A 194 5.50 -3.52 8.96
N ILE A 195 6.62 -3.71 8.27
CA ILE A 195 7.95 -3.75 8.88
C ILE A 195 8.76 -2.60 8.31
N LYS A 196 9.25 -1.72 9.18
CA LYS A 196 10.10 -0.61 8.75
C LYS A 196 11.53 -1.09 8.56
N GLY A 197 12.19 -0.59 7.53
CA GLY A 197 13.59 -0.94 7.35
C GLY A 197 14.27 -0.03 6.36
N ILE A 198 15.53 -0.35 6.07
CA ILE A 198 16.33 0.36 5.09
C ILE A 198 16.60 -0.57 3.92
N LYS A 199 16.45 -0.07 2.70
CA LYS A 199 16.77 -0.87 1.52
C LYS A 199 18.26 -1.15 1.43
N SER A 200 18.59 -2.30 0.84
CA SER A 200 19.96 -2.57 0.44
C SER A 200 20.40 -1.58 -0.63
N GLU A 201 21.71 -1.52 -0.87
CA GLU A 201 22.22 -0.59 -1.87
C GLU A 201 21.70 -0.95 -3.27
N GLY A 202 21.58 -2.24 -3.57
CA GLY A 202 21.06 -2.64 -4.87
C GLY A 202 19.60 -2.32 -5.07
N GLU A 203 18.84 -2.14 -4.00
CA GLU A 203 17.40 -1.94 -4.13
C GLU A 203 16.95 -0.52 -3.83
N LYS A 204 17.83 0.38 -3.39
CA LYS A 204 17.37 1.73 -3.06
C LYS A 204 17.05 2.51 -4.33
N PHE A 205 16.33 3.62 -4.14
CA PHE A 205 15.90 4.48 -5.23
C PHE A 205 17.11 5.08 -5.97
N GLY A 206 17.02 5.15 -7.29
CA GLY A 206 18.12 5.71 -8.05
C GLY A 206 18.34 7.17 -7.68
N GLY A 207 19.55 7.49 -7.24
CA GLY A 207 19.87 8.83 -6.79
C GLY A 207 19.72 9.05 -5.29
N ALA A 208 19.13 8.12 -4.56
CA ALA A 208 18.96 8.33 -3.12
C ALA A 208 20.27 8.08 -2.39
N ASN A 209 20.42 8.79 -1.27
CA ASN A 209 21.45 8.44 -0.29
C ASN A 209 21.06 7.16 0.45
N PHE A 210 19.87 7.13 1.06
CA PHE A 210 19.30 5.85 1.50
C PHE A 210 17.80 5.86 1.27
N THR A 211 17.22 4.66 1.18
CA THR A 211 15.79 4.48 1.04
C THR A 211 15.27 3.74 2.26
N SER A 212 14.39 4.39 3.00
CA SER A 212 13.65 3.69 4.03
C SER A 212 12.33 3.20 3.46
N THR A 213 11.81 2.14 4.07
CA THR A 213 10.72 1.41 3.44
C THR A 213 9.82 0.81 4.53
N ALA A 214 8.56 0.62 4.16
CA ALA A 214 7.62 -0.19 4.91
C ALA A 214 7.33 -1.41 4.06
N GLU A 215 7.58 -2.60 4.59
CA GLU A 215 7.36 -3.85 3.87
C GLU A 215 6.15 -4.59 4.42
N ALA A 216 5.35 -5.16 3.54
CA ALA A 216 4.23 -6.01 3.92
C ALA A 216 4.48 -7.41 3.38
N PHE A 217 3.75 -8.38 3.89
CA PHE A 217 3.93 -9.75 3.43
C PHE A 217 2.59 -10.44 3.28
N ILE A 218 2.40 -11.12 2.16
CA ILE A 218 1.19 -11.88 1.88
C ILE A 218 1.53 -13.35 2.15
N SER A 219 1.05 -13.86 3.29
CA SER A 219 1.46 -15.18 3.74
C SER A 219 0.84 -16.28 2.90
N GLU A 220 -0.32 -16.04 2.29
CA GLU A 220 -0.98 -17.10 1.53
C GLU A 220 -0.20 -17.47 0.27
N ASN A 221 0.55 -16.55 -0.32
CA ASN A 221 1.41 -16.99 -1.44
C ASN A 221 2.88 -16.68 -1.20
N GLY A 222 3.26 -16.36 0.03
CA GLY A 222 4.67 -16.27 0.37
C GLY A 222 5.40 -15.08 -0.23
N ARG A 223 4.71 -13.98 -0.49
CA ARG A 223 5.32 -12.89 -1.27
C ARG A 223 5.32 -11.60 -0.48
N ALA A 224 6.49 -10.96 -0.44
CA ALA A 224 6.60 -9.63 0.15
C ALA A 224 6.17 -8.58 -0.87
N ILE A 225 5.71 -7.43 -0.37
CA ILE A 225 5.29 -6.29 -1.20
C ILE A 225 5.73 -5.02 -0.49
N GLN A 226 6.51 -4.18 -1.17
CA GLN A 226 6.84 -2.89 -0.58
C GLN A 226 5.58 -2.03 -0.48
N ALA A 227 5.25 -1.58 0.73
CA ALA A 227 3.99 -0.87 0.97
C ALA A 227 4.11 0.63 0.75
N ALA A 228 5.28 1.21 1.02
CA ALA A 228 5.50 2.65 0.92
C ALA A 228 7.00 2.92 1.01
N THR A 229 7.42 4.12 0.61
CA THR A 229 8.84 4.39 0.55
C THR A 229 9.14 5.84 0.92
N SER A 230 10.28 6.06 1.59
CA SER A 230 10.68 7.40 2.01
C SER A 230 12.20 7.52 1.89
N HIS A 231 12.66 8.36 0.98
CA HIS A 231 14.06 8.45 0.59
C HIS A 231 14.71 9.67 1.21
N TYR A 232 15.91 9.48 1.77
CA TYR A 232 16.84 10.58 1.99
C TYR A 232 17.67 10.73 0.72
N LEU A 233 17.49 11.84 0.01
CA LEU A 233 18.24 12.06 -1.23
C LEU A 233 19.56 12.76 -1.00
N GLY A 234 19.83 13.20 0.23
CA GLY A 234 21.03 13.98 0.49
C GLY A 234 21.11 15.16 -0.46
N THR A 235 22.32 15.42 -0.96
CA THR A 235 22.59 16.47 -1.92
C THR A 235 22.73 15.95 -3.36
N ASN A 236 22.42 14.67 -3.63
CA ASN A 236 22.64 14.11 -4.97
C ASN A 236 21.83 14.84 -6.04
N PHE A 237 20.54 15.03 -5.81
CA PHE A 237 19.76 15.78 -6.79
C PHE A 237 20.11 17.26 -6.77
N ALA A 238 20.42 17.81 -5.59
CA ALA A 238 20.81 19.22 -5.53
C ALA A 238 22.04 19.49 -6.38
N LYS A 239 23.00 18.56 -6.39
CA LYS A 239 24.15 18.70 -7.28
C LYS A 239 23.72 18.61 -8.75
N MET A 240 22.84 17.65 -9.09
CA MET A 240 22.48 17.52 -10.50
C MET A 240 21.70 18.72 -11.03
N PHE A 241 20.81 19.30 -10.22
CA PHE A 241 19.98 20.40 -10.66
C PHE A 241 20.48 21.75 -10.14
N LYS A 242 21.63 21.77 -9.49
CA LYS A 242 22.22 23.00 -8.95
C LYS A 242 21.22 23.75 -8.06
N ILE A 243 20.71 23.05 -7.05
CA ILE A 243 19.81 23.65 -6.05
C ILE A 243 20.71 24.09 -4.89
N GLU A 244 21.20 25.32 -4.99
CA GLU A 244 22.10 25.92 -4.01
C GLU A 244 21.36 27.01 -3.25
N PHE A 245 21.76 27.23 -2.00
CA PHE A 245 21.25 28.35 -1.22
C PHE A 245 22.36 28.99 -0.40
N GLU A 246 22.22 30.28 -0.13
CA GLU A 246 23.18 31.01 0.68
C GLU A 246 22.81 30.85 2.16
N ASP A 247 23.72 30.30 2.96
CA ASP A 247 23.37 30.06 4.36
C ASP A 247 23.62 31.32 5.20
N GLU A 248 23.35 31.21 6.51
CA GLU A 248 23.47 32.36 7.39
C GLU A 248 24.89 32.90 7.49
N ASN A 249 25.89 32.07 7.21
CA ASN A 249 27.26 32.54 7.14
C ASN A 249 27.64 33.01 5.74
N GLU A 250 26.63 33.23 4.87
CA GLU A 250 26.82 33.67 3.49
C GLU A 250 27.63 32.65 2.67
N VAL A 251 27.55 31.37 3.02
CA VAL A 251 28.23 30.31 2.28
C VAL A 251 27.22 29.59 1.42
N LYS A 252 27.57 29.32 0.16
CA LYS A 252 26.73 28.48 -0.69
C LYS A 252 26.73 27.04 -0.20
N GLN A 253 25.53 26.47 -0.06
CA GLN A 253 25.35 25.07 0.30
C GLN A 253 24.35 24.43 -0.65
N TYR A 254 24.41 23.10 -0.74
CA TYR A 254 23.35 22.34 -1.40
C TYR A 254 22.23 22.04 -0.42
N VAL A 255 20.99 22.05 -0.90
CA VAL A 255 19.90 21.58 -0.07
C VAL A 255 20.04 20.08 0.18
N HIS A 256 19.48 19.61 1.28
CA HIS A 256 19.34 18.19 1.54
C HIS A 256 17.88 17.82 1.30
N GLN A 257 17.64 16.83 0.46
CA GLN A 257 16.29 16.59 -0.04
C GLN A 257 15.74 15.25 0.42
N THR A 258 14.41 15.18 0.45
CA THR A 258 13.69 13.93 0.66
C THR A 258 12.66 13.79 -0.46
N SER A 259 12.31 12.54 -0.75
CA SER A 259 11.07 12.29 -1.49
C SER A 259 10.46 11.00 -0.98
N TRP A 260 9.16 10.92 -1.06
CA TRP A 260 8.41 9.83 -0.48
C TRP A 260 7.13 9.54 -1.25
N GLY A 261 6.69 8.30 -1.28
CA GLY A 261 5.52 7.94 -2.07
C GLY A 261 4.73 6.78 -1.51
N CYS A 262 3.44 6.79 -1.79
CA CYS A 262 2.58 5.67 -1.43
C CYS A 262 1.41 5.65 -2.41
N THR A 263 1.05 4.44 -2.88
CA THR A 263 0.19 4.28 -4.06
C THR A 263 -1.08 3.50 -3.73
N THR A 264 -1.95 3.35 -4.74
CA THR A 264 -3.12 2.48 -4.61
C THR A 264 -2.74 1.00 -4.46
N ARG A 265 -1.44 0.66 -4.56
CA ARG A 265 -1.01 -0.66 -4.12
C ARG A 265 -1.49 -0.96 -2.71
N SER A 266 -1.55 0.04 -1.85
CA SER A 266 -2.05 -0.14 -0.49
C SER A 266 -3.43 -0.84 -0.47
N ILE A 267 -4.31 -0.46 -1.39
CA ILE A 267 -5.62 -1.13 -1.49
C ILE A 267 -5.44 -2.62 -1.77
N GLY A 268 -4.58 -2.95 -2.75
CA GLY A 268 -4.34 -4.36 -3.04
C GLY A 268 -3.78 -5.11 -1.84
N ILE A 269 -2.89 -4.46 -1.08
CA ILE A 269 -2.34 -5.15 0.07
C ILE A 269 -3.44 -5.45 1.07
N MET A 270 -4.33 -4.48 1.28
CA MET A 270 -5.46 -4.70 2.18
C MET A 270 -6.32 -5.86 1.68
N ILE A 271 -6.63 -5.88 0.38
CA ILE A 271 -7.48 -6.96 -0.13
C ILE A 271 -6.79 -8.30 0.10
N MET A 272 -5.50 -8.36 -0.19
CA MET A 272 -4.82 -9.64 -0.10
C MET A 272 -4.70 -10.06 1.36
N THR A 273 -4.65 -9.09 2.26
CA THR A 273 -4.44 -9.43 3.65
C THR A 273 -5.72 -9.97 4.28
N HIS A 274 -6.84 -9.25 4.11
CA HIS A 274 -8.05 -9.58 4.85
C HIS A 274 -9.07 -10.39 4.05
N GLY A 275 -8.96 -10.43 2.72
CA GLY A 275 -9.97 -11.11 1.93
C GLY A 275 -10.01 -12.60 2.24
N ASP A 276 -11.20 -13.19 2.09
CA ASP A 276 -11.37 -14.61 2.39
C ASP A 276 -12.14 -15.32 1.28
N ASP A 277 -12.58 -16.56 1.53
CA ASP A 277 -13.20 -17.33 0.45
C ASP A 277 -14.58 -16.82 0.08
N LYS A 278 -15.20 -15.95 0.89
CA LYS A 278 -16.47 -15.34 0.52
C LYS A 278 -16.30 -14.01 -0.21
N GLY A 279 -15.08 -13.48 -0.24
CA GLY A 279 -14.85 -12.24 -0.94
C GLY A 279 -14.11 -11.19 -0.15
N LEU A 280 -14.45 -9.94 -0.42
CA LEU A 280 -13.82 -8.79 0.19
C LEU A 280 -14.16 -8.71 1.68
N VAL A 281 -13.18 -8.26 2.48
CA VAL A 281 -13.39 -7.94 3.90
C VAL A 281 -12.80 -6.56 4.14
N LEU A 282 -13.68 -5.57 4.43
CA LEU A 282 -13.20 -4.19 4.52
C LEU A 282 -13.04 -3.76 5.97
N PRO A 283 -11.90 -3.20 6.37
CA PRO A 283 -11.84 -2.47 7.65
C PRO A 283 -12.87 -1.36 7.65
N PRO A 284 -13.60 -1.17 8.74
CA PRO A 284 -14.72 -0.20 8.73
C PRO A 284 -14.32 1.21 8.29
N ASN A 285 -13.10 1.65 8.60
CA ASN A 285 -12.65 3.01 8.27
C ASN A 285 -12.53 3.27 6.77
N VAL A 286 -12.58 2.25 5.92
CA VAL A 286 -12.54 2.51 4.50
C VAL A 286 -13.76 1.91 3.80
N SER A 287 -14.81 1.62 4.55
CA SER A 287 -16.07 1.10 4.01
C SER A 287 -17.11 2.22 3.99
N LYS A 288 -17.68 2.49 2.81
CA LYS A 288 -18.71 3.52 2.73
C LYS A 288 -19.89 3.15 3.63
N TYR A 289 -20.46 1.96 3.43
CA TYR A 289 -21.51 1.44 4.31
C TYR A 289 -20.86 0.61 5.42
N LYS A 290 -21.09 1.04 6.66
CA LYS A 290 -20.65 0.25 7.81
C LYS A 290 -21.57 -0.94 8.08
N VAL A 291 -22.86 -0.82 7.74
CA VAL A 291 -23.89 -1.78 8.12
C VAL A 291 -24.84 -1.96 6.94
N VAL A 292 -25.21 -3.21 6.65
CA VAL A 292 -26.31 -3.49 5.74
C VAL A 292 -27.42 -4.16 6.54
N ILE A 293 -28.64 -3.66 6.38
CA ILE A 293 -29.82 -4.22 7.03
C ILE A 293 -30.58 -5.03 5.98
N VAL A 294 -30.87 -6.28 6.31
CA VAL A 294 -31.52 -7.21 5.39
C VAL A 294 -32.82 -7.70 6.03
N PRO A 295 -33.97 -7.49 5.40
CA PRO A 295 -35.23 -8.01 5.94
C PRO A 295 -35.49 -9.44 5.51
N ILE A 296 -36.17 -10.17 6.38
CA ILE A 296 -36.59 -11.55 6.10
C ILE A 296 -38.09 -11.61 6.31
N PHE A 297 -38.81 -12.15 5.33
CA PHE A 297 -40.27 -12.22 5.38
C PHE A 297 -40.78 -13.65 5.51
N ASP A 302 -47.32 -9.74 7.43
CA ASP A 302 -46.90 -8.36 7.59
C ASP A 302 -45.50 -8.15 7.02
N GLU A 303 -45.43 -7.39 5.93
CA GLU A 303 -44.16 -6.89 5.41
C GLU A 303 -43.92 -5.44 5.81
N ASN A 304 -44.99 -4.68 6.04
CA ASN A 304 -44.86 -3.28 6.42
C ASN A 304 -44.28 -3.12 7.82
N ALA A 305 -44.58 -4.04 8.73
CA ALA A 305 -43.98 -3.99 10.05
C ALA A 305 -42.46 -4.15 9.96
N ILE A 306 -42.00 -5.10 9.15
CA ILE A 306 -40.56 -5.30 8.98
C ILE A 306 -39.92 -4.10 8.31
N HIS A 307 -40.57 -3.56 7.26
CA HIS A 307 -40.08 -2.36 6.60
CA HIS A 307 -40.05 -2.37 6.61
C HIS A 307 -39.88 -1.23 7.59
N SER A 308 -40.93 -0.95 8.40
CA SER A 308 -40.86 0.16 9.35
C SER A 308 -39.77 -0.07 10.39
N TYR A 309 -39.62 -1.30 10.86
CA TYR A 309 -38.60 -1.62 11.85
C TYR A 309 -37.18 -1.43 11.29
N CYS A 310 -36.93 -1.97 10.09
CA CYS A 310 -35.61 -1.79 9.48
C CYS A 310 -35.31 -0.33 9.22
N LYS A 311 -36.31 0.45 8.82
CA LYS A 311 -36.04 1.87 8.60
C LYS A 311 -35.81 2.61 9.92
N ASP A 312 -36.47 2.19 11.01
CA ASP A 312 -36.13 2.73 12.33
C ASP A 312 -34.65 2.50 12.63
N ILE A 313 -34.17 1.28 12.41
CA ILE A 313 -32.76 1.00 12.69
C ILE A 313 -31.85 1.83 11.79
N GLU A 314 -32.23 1.99 10.51
CA GLU A 314 -31.44 2.82 9.61
C GLU A 314 -31.38 4.27 10.10
N LYS A 315 -32.50 4.79 10.61
CA LYS A 315 -32.52 6.13 11.18
C LYS A 315 -31.61 6.21 12.41
N ILE A 316 -31.65 5.18 13.25
CA ILE A 316 -30.82 5.20 14.46
C ILE A 316 -29.36 5.26 14.09
N LEU A 317 -28.95 4.52 13.07
CA LEU A 317 -27.54 4.50 12.69
C LEU A 317 -27.14 5.78 11.98
N LYS A 318 -27.95 6.24 11.02
CA LYS A 318 -27.59 7.44 10.26
C LYS A 318 -27.60 8.68 11.15
N ASN A 319 -28.46 8.71 12.18
CA ASN A 319 -28.50 9.86 13.08
C ASN A 319 -27.23 9.97 13.89
N ALA A 320 -26.55 8.84 14.15
CA ALA A 320 -25.27 8.85 14.83
C ALA A 320 -24.09 8.84 13.87
N GLN A 321 -24.30 9.29 12.63
CA GLN A 321 -23.23 9.46 11.63
C GLN A 321 -22.59 8.12 11.24
N ILE A 322 -23.39 7.05 11.20
CA ILE A 322 -22.94 5.73 10.77
C ILE A 322 -23.68 5.41 9.49
N ASN A 323 -23.02 5.54 8.35
CA ASN A 323 -23.67 5.33 7.08
C ASN A 323 -24.03 3.86 6.92
N CYS A 324 -25.24 3.58 6.46
CA CYS A 324 -25.67 2.21 6.26
C CYS A 324 -26.54 2.13 5.02
N VAL A 325 -26.98 0.92 4.69
CA VAL A 325 -27.90 0.68 3.59
C VAL A 325 -28.91 -0.36 4.04
N TYR A 326 -30.18 -0.10 3.72
CA TYR A 326 -31.26 -1.03 3.94
C TYR A 326 -31.60 -1.67 2.59
N ASP A 327 -31.25 -2.94 2.43
CA ASP A 327 -31.48 -3.62 1.15
C ASP A 327 -32.92 -4.14 1.13
N ASP A 328 -33.83 -3.30 0.65
CA ASP A 328 -35.25 -3.64 0.60
C ASP A 328 -35.69 -4.11 -0.77
N ARG A 329 -34.74 -4.53 -1.63
CA ARG A 329 -35.09 -4.96 -2.98
C ARG A 329 -36.03 -6.15 -2.94
N ALA A 330 -37.15 -6.05 -3.67
CA ALA A 330 -38.23 -6.99 -3.51
C ALA A 330 -38.01 -8.30 -4.27
N SER A 331 -37.15 -8.30 -5.28
CA SER A 331 -37.05 -9.46 -6.17
C SER A 331 -35.97 -10.45 -5.75
N TYR A 332 -35.20 -10.16 -4.71
CA TYR A 332 -34.12 -11.03 -4.26
C TYR A 332 -34.40 -11.59 -2.88
N SER A 333 -33.97 -12.84 -2.66
CA SER A 333 -34.14 -13.51 -1.39
C SER A 333 -33.17 -12.95 -0.35
N PRO A 334 -33.45 -13.17 0.94
CA PRO A 334 -32.46 -12.79 1.97
C PRO A 334 -31.08 -13.39 1.75
N GLY A 335 -30.98 -14.67 1.40
CA GLY A 335 -29.66 -15.28 1.25
C GLY A 335 -28.87 -14.70 0.09
N TYR A 336 -29.56 -14.39 -1.01
CA TYR A 336 -28.92 -13.65 -2.08
C TYR A 336 -28.30 -12.37 -1.53
N LYS A 337 -29.07 -11.63 -0.74
CA LYS A 337 -28.57 -10.35 -0.21
C LYS A 337 -27.40 -10.55 0.75
N PHE A 338 -27.49 -11.56 1.62
CA PHE A 338 -26.37 -11.89 2.51
C PHE A 338 -25.09 -12.01 1.72
N ASN A 339 -25.12 -12.81 0.68
CA ASN A 339 -23.96 -13.03 -0.14
C ASN A 339 -23.53 -11.82 -0.95
N HIS A 340 -24.47 -11.13 -1.52
CA HIS A 340 -24.22 -9.88 -2.24
C HIS A 340 -23.37 -8.92 -1.41
N TRP A 341 -23.75 -8.72 -0.14
CA TRP A 341 -23.04 -7.75 0.68
C TRP A 341 -21.81 -8.33 1.37
N GLU A 342 -21.77 -9.65 1.60
CA GLU A 342 -20.52 -10.24 2.08
C GLU A 342 -19.43 -10.14 1.03
N LEU A 343 -19.80 -10.40 -0.24
CA LEU A 343 -18.83 -10.28 -1.33
C LEU A 343 -18.23 -8.90 -1.39
N ARG A 344 -19.03 -7.88 -1.11
CA ARG A 344 -18.63 -6.48 -1.19
C ARG A 344 -17.95 -5.97 0.08
N GLY A 345 -17.83 -6.81 1.10
CA GLY A 345 -17.02 -6.49 2.26
C GLY A 345 -17.66 -5.65 3.35
N ILE A 346 -18.98 -5.47 3.34
CA ILE A 346 -19.61 -4.65 4.38
C ILE A 346 -19.33 -5.25 5.75
N PRO A 347 -18.83 -4.48 6.72
CA PRO A 347 -18.37 -5.09 7.98
C PRO A 347 -19.47 -5.72 8.82
N ILE A 348 -20.70 -5.21 8.77
CA ILE A 348 -21.76 -5.67 9.67
C ILE A 348 -23.04 -5.86 8.89
N ARG A 349 -23.71 -7.00 9.11
CA ARG A 349 -25.06 -7.22 8.59
C ARG A 349 -26.03 -7.32 9.75
N ILE A 350 -27.13 -6.58 9.67
CA ILE A 350 -28.23 -6.68 10.62
C ILE A 350 -29.41 -7.34 9.90
N GLU A 351 -29.88 -8.46 10.45
CA GLU A 351 -31.02 -9.20 9.93
C GLU A 351 -32.25 -8.98 10.80
N VAL A 352 -33.40 -8.80 10.14
CA VAL A 352 -34.68 -8.57 10.82
C VAL A 352 -35.73 -9.48 10.18
N GLY A 353 -36.17 -10.49 10.92
CA GLY A 353 -37.32 -11.28 10.55
C GLY A 353 -38.46 -11.09 11.55
N PRO A 354 -39.55 -11.83 11.40
CA PRO A 354 -40.69 -11.63 12.32
C PRO A 354 -40.38 -12.02 13.76
N LYS A 355 -39.61 -13.10 13.98
CA LYS A 355 -39.26 -13.48 15.34
C LYS A 355 -38.41 -12.43 16.03
N ASP A 356 -37.56 -11.74 15.26
CA ASP A 356 -36.77 -10.66 15.84
C ASP A 356 -37.64 -9.46 16.20
N LEU A 357 -38.57 -9.11 15.32
CA LEU A 357 -39.48 -7.99 15.61
C LEU A 357 -40.32 -8.28 16.85
N GLN A 358 -40.78 -9.53 17.00
CA GLN A 358 -41.59 -9.88 18.17
C GLN A 358 -40.80 -9.72 19.47
N ASN A 359 -39.50 -9.99 19.42
CA ASN A 359 -38.59 -9.86 20.56
C ASN A 359 -38.02 -8.44 20.70
N ASN A 360 -38.47 -7.48 19.88
CA ASN A 360 -37.88 -6.14 19.82
C ASN A 360 -36.36 -6.24 19.69
N SER A 361 -35.92 -7.14 18.83
CA SER A 361 -34.54 -7.56 18.73
C SER A 361 -34.11 -7.52 17.27
N CYS A 362 -32.85 -7.91 17.02
CA CYS A 362 -32.37 -8.11 15.66
C CYS A 362 -31.10 -8.94 15.75
N VAL A 363 -30.69 -9.52 14.62
CA VAL A 363 -29.47 -10.32 14.58
C VAL A 363 -28.37 -9.49 13.94
N ILE A 364 -27.21 -9.44 14.60
CA ILE A 364 -26.07 -8.67 14.10
C ILE A 364 -24.93 -9.66 13.82
N VAL A 365 -24.35 -9.55 12.63
CA VAL A 365 -23.43 -10.54 12.08
C VAL A 365 -22.17 -9.83 11.61
N ARG A 366 -21.03 -10.23 12.17
CA ARG A 366 -19.72 -9.68 11.82
C ARG A 366 -19.20 -10.33 10.53
N ARG A 367 -18.73 -9.49 9.60
CA ARG A 367 -18.20 -10.01 8.35
C ARG A 367 -16.90 -10.79 8.57
N ASP A 368 -16.09 -10.41 9.56
CA ASP A 368 -14.75 -10.97 9.64
C ASP A 368 -14.73 -12.41 10.15
N ASN A 369 -15.57 -12.74 11.15
CA ASN A 369 -15.61 -14.11 11.66
C ASN A 369 -17.01 -14.75 11.61
N ASN A 370 -17.99 -14.08 11.03
CA ASN A 370 -19.35 -14.62 10.87
C ASN A 370 -20.03 -14.90 12.21
N GLU A 371 -19.55 -14.36 13.32
CA GLU A 371 -20.24 -14.58 14.58
C GLU A 371 -21.52 -13.75 14.62
N LYS A 372 -22.60 -14.35 15.11
CA LYS A 372 -23.91 -13.73 15.14
C LYS A 372 -24.37 -13.53 16.57
N CYS A 373 -25.12 -12.46 16.81
CA CYS A 373 -25.70 -12.31 18.15
C CYS A 373 -26.97 -11.48 18.10
N ASN A 374 -27.85 -11.75 19.07
CA ASN A 374 -29.11 -11.04 19.19
C ASN A 374 -28.91 -9.78 20.03
N VAL A 375 -29.41 -8.65 19.53
CA VAL A 375 -29.26 -7.36 20.18
C VAL A 375 -30.63 -6.70 20.22
N LYS A 376 -31.01 -6.19 21.39
CA LYS A 376 -32.24 -5.41 21.51
C LYS A 376 -32.13 -4.11 20.73
N LYS A 377 -33.28 -3.62 20.26
CA LYS A 377 -33.32 -2.43 19.41
C LYS A 377 -32.55 -1.27 20.05
N GLU A 378 -32.88 -0.94 21.30
CA GLU A 378 -32.29 0.20 21.99
C GLU A 378 -30.80 0.03 22.23
N SER A 379 -30.28 -1.19 22.13
CA SER A 379 -28.85 -1.44 22.28
C SER A 379 -28.10 -1.46 20.96
N VAL A 380 -28.78 -1.27 19.82
CA VAL A 380 -28.13 -1.51 18.54
C VAL A 380 -27.00 -0.52 18.31
N LEU A 381 -27.29 0.78 18.48
CA LEU A 381 -26.28 1.81 18.21
C LEU A 381 -24.97 1.49 18.94
N LEU A 382 -25.03 1.48 20.27
CA LEU A 382 -23.86 1.16 21.08
C LEU A 382 -23.20 -0.13 20.59
N GLU A 383 -24.00 -1.20 20.41
CA GLU A 383 -23.39 -2.48 20.09
C GLU A 383 -22.72 -2.45 18.73
N THR A 384 -23.26 -1.63 17.82
CA THR A 384 -22.63 -1.50 16.51
C THR A 384 -21.30 -0.74 16.63
N GLN A 385 -21.30 0.34 17.41
CA GLN A 385 -20.08 1.12 17.57
C GLN A 385 -18.95 0.23 18.08
N GLN A 386 -19.19 -0.41 19.22
CA GLN A 386 -18.19 -1.33 19.79
C GLN A 386 -17.74 -2.34 18.74
N MET A 387 -18.71 -2.91 18.02
CA MET A 387 -18.35 -3.98 17.09
C MET A 387 -17.48 -3.46 15.97
N LEU A 388 -17.78 -2.26 15.45
CA LEU A 388 -16.93 -1.73 14.38
C LEU A 388 -15.49 -1.64 14.86
N VAL A 389 -15.31 -1.13 16.08
CA VAL A 389 -13.96 -1.03 16.64
C VAL A 389 -13.35 -2.42 16.74
N ASP A 390 -14.11 -3.37 17.28
CA ASP A 390 -13.53 -4.68 17.52
C ASP A 390 -13.20 -5.37 16.20
N ILE A 391 -13.92 -5.04 15.12
CA ILE A 391 -13.60 -5.70 13.86
C ILE A 391 -12.23 -5.26 13.38
N HIS A 392 -11.96 -3.95 13.48
CA HIS A 392 -10.67 -3.44 13.04
C HIS A 392 -9.53 -4.10 13.81
N LYS A 393 -9.62 -4.09 15.11
CA LYS A 393 -8.63 -4.71 15.95
C LYS A 393 -8.42 -6.16 15.61
N ASN A 394 -9.49 -6.87 15.41
CA ASN A 394 -9.37 -8.29 15.08
C ASN A 394 -8.63 -8.45 13.76
N LEU A 395 -9.04 -7.68 12.74
CA LEU A 395 -8.39 -7.82 11.45
C LEU A 395 -6.90 -7.56 11.61
N PHE A 396 -6.56 -6.50 12.36
CA PHE A 396 -5.15 -6.14 12.46
C PHE A 396 -4.40 -7.24 13.19
N LEU A 397 -4.96 -7.70 14.31
CA LEU A 397 -4.20 -8.65 15.13
C LEU A 397 -4.03 -9.96 14.38
N LYS A 398 -5.06 -10.37 13.63
CA LYS A 398 -4.92 -11.62 12.89
C LYS A 398 -3.80 -11.47 11.86
N ALA A 399 -3.81 -10.34 11.16
CA ALA A 399 -2.78 -10.10 10.15
C ALA A 399 -1.42 -10.02 10.82
N LYS A 400 -1.35 -9.41 12.01
CA LYS A 400 -0.03 -9.27 12.62
C LYS A 400 0.53 -10.63 13.00
N LYS A 401 -0.35 -11.54 13.46
CA LYS A 401 0.15 -12.87 13.82
C LYS A 401 0.73 -13.54 12.59
N LYS A 402 0.03 -13.40 11.46
CA LYS A 402 0.52 -14.04 10.25
C LYS A 402 1.84 -13.43 9.83
N LEU A 403 1.97 -12.11 9.96
CA LEU A 403 3.22 -11.48 9.59
C LEU A 403 4.34 -12.03 10.46
N ASP A 404 4.09 -12.12 11.77
CA ASP A 404 5.14 -12.60 12.66
C ASP A 404 5.50 -14.04 12.33
N ASP A 405 4.51 -14.85 11.98
CA ASP A 405 4.77 -16.26 11.71
C ASP A 405 5.42 -16.46 10.35
N SER A 406 5.56 -15.39 9.56
CA SER A 406 6.12 -15.49 8.22
C SER A 406 7.63 -15.36 8.18
N ILE A 407 8.28 -15.06 9.30
CA ILE A 407 9.71 -14.79 9.32
C ILE A 407 10.43 -15.96 9.98
N VAL A 408 11.43 -16.49 9.30
CA VAL A 408 12.30 -17.55 9.83
C VAL A 408 13.71 -16.99 9.94
N GLN A 409 14.27 -17.03 11.15
CA GLN A 409 15.66 -16.60 11.35
C GLN A 409 16.59 -17.73 10.96
N VAL A 410 17.54 -17.45 10.05
CA VAL A 410 18.50 -18.44 9.58
C VAL A 410 19.92 -17.89 9.78
N THR A 411 20.90 -18.81 9.79
CA THR A 411 22.30 -18.43 9.80
C THR A 411 23.07 -18.92 8.58
N SER A 412 22.51 -19.84 7.80
CA SER A 412 23.21 -20.44 6.69
C SER A 412 22.30 -20.45 5.46
N PHE A 413 22.90 -20.33 4.28
CA PHE A 413 22.10 -20.47 3.07
C PHE A 413 21.44 -21.84 2.99
N SER A 414 22.00 -22.84 3.68
CA SER A 414 21.45 -24.19 3.66
C SER A 414 20.01 -24.25 4.17
N GLU A 415 19.56 -23.24 4.92
CA GLU A 415 18.22 -23.24 5.45
C GLU A 415 17.24 -22.44 4.59
N VAL A 416 17.73 -21.73 3.57
CA VAL A 416 16.88 -20.73 2.92
C VAL A 416 15.79 -21.38 2.07
N MET A 417 16.15 -22.33 1.20
CA MET A 417 15.17 -22.79 0.21
C MET A 417 13.98 -23.43 0.90
N ASN A 418 14.25 -24.22 1.94
CA ASN A 418 13.18 -24.81 2.75
C ASN A 418 12.21 -23.74 3.22
N ALA A 419 12.76 -22.68 3.82
CA ALA A 419 11.90 -21.60 4.31
C ALA A 419 11.11 -20.97 3.16
N LEU A 420 11.74 -20.75 2.02
CA LEU A 420 11.01 -20.11 0.92
C LEU A 420 9.85 -20.98 0.47
N ASN A 421 10.05 -22.28 0.45
CA ASN A 421 9.05 -23.18 -0.02
C ASN A 421 7.87 -23.35 0.91
N LYS A 422 8.06 -23.02 2.15
CA LYS A 422 7.01 -22.92 3.15
C LYS A 422 6.39 -21.53 3.18
N LYS A 423 6.60 -20.72 2.14
CA LYS A 423 5.99 -19.40 1.99
C LYS A 423 6.44 -18.45 3.09
N LYS A 424 7.72 -18.53 3.49
CA LYS A 424 8.30 -17.65 4.49
C LYS A 424 9.27 -16.65 3.85
N MET A 425 9.56 -15.58 4.60
CA MET A 425 10.75 -14.76 4.43
C MET A 425 11.80 -15.24 5.42
N VAL A 426 13.06 -14.89 5.16
CA VAL A 426 14.14 -15.25 6.08
C VAL A 426 14.80 -13.98 6.61
N LEU A 427 15.21 -14.02 7.88
CA LEU A 427 16.01 -12.97 8.48
C LEU A 427 17.41 -13.55 8.66
N ALA A 428 18.39 -12.96 7.99
CA ALA A 428 19.69 -13.60 7.91
C ALA A 428 20.82 -12.60 8.16
N PRO A 429 21.91 -13.05 8.78
CA PRO A 429 23.08 -12.17 8.91
C PRO A 429 23.72 -11.96 7.54
N TRP A 430 24.03 -10.71 7.21
CA TRP A 430 24.48 -10.35 5.88
C TRP A 430 25.56 -9.29 5.94
N CYS A 431 26.55 -9.46 5.04
CA CYS A 431 27.69 -8.54 4.87
C CYS A 431 27.32 -7.30 4.06
N GLU A 432 26.19 -7.31 3.38
CA GLU A 432 25.60 -6.18 2.67
C GLU A 432 26.36 -5.76 1.41
N ASP A 433 27.30 -6.58 0.93
CA ASP A 433 28.00 -6.27 -0.31
C ASP A 433 27.05 -6.34 -1.50
N ILE A 434 27.04 -5.30 -2.33
CA ILE A 434 26.02 -5.17 -3.37
C ILE A 434 26.08 -6.31 -4.39
N ALA A 435 27.25 -6.88 -4.66
CA ALA A 435 27.35 -7.93 -5.68
C ALA A 435 26.67 -9.24 -5.23
N THR A 436 26.65 -9.48 -3.92
CA THR A 436 25.95 -10.67 -3.45
C THR A 436 24.45 -10.60 -3.70
N GLU A 437 23.87 -9.40 -3.90
CA GLU A 437 22.43 -9.31 -4.14
C GLU A 437 22.05 -10.09 -5.39
N GLU A 438 22.73 -9.82 -6.49
CA GLU A 438 22.47 -10.54 -7.73
C GLU A 438 22.86 -12.01 -7.61
N GLU A 439 23.93 -12.30 -6.86
CA GLU A 439 24.29 -13.71 -6.71
C GLU A 439 23.19 -14.50 -6.00
N ILE A 440 22.61 -13.92 -4.96
CA ILE A 440 21.57 -14.57 -4.16
C ILE A 440 20.30 -14.72 -4.99
N LYS A 441 19.94 -13.66 -5.72
CA LYS A 441 18.78 -13.73 -6.61
C LYS A 441 18.94 -14.90 -7.58
N LYS A 442 20.08 -14.97 -8.25
CA LYS A 442 20.28 -16.00 -9.27
C LYS A 442 20.26 -17.40 -8.67
N GLU A 443 20.88 -17.60 -7.51
CA GLU A 443 20.92 -18.95 -6.97
C GLU A 443 19.54 -19.40 -6.46
N THR A 444 18.80 -18.51 -5.77
CA THR A 444 17.48 -18.93 -5.31
C THR A 444 16.54 -19.17 -6.48
N GLN A 445 16.63 -18.36 -7.54
CA GLN A 445 15.81 -18.62 -8.73
C GLN A 445 16.16 -19.95 -9.35
N ARG A 446 17.47 -20.24 -9.47
CA ARG A 446 17.90 -21.51 -10.04
C ARG A 446 17.34 -22.68 -9.24
N LEU A 447 17.35 -22.58 -7.90
CA LEU A 447 16.93 -23.68 -7.04
C LEU A 447 15.41 -23.75 -6.84
N SER A 448 14.66 -22.79 -7.33
CA SER A 448 13.20 -22.93 -7.18
C SER A 448 12.59 -24.00 -8.07
N LEU A 449 13.37 -24.66 -8.90
CA LEU A 449 12.91 -25.70 -9.82
C LEU A 449 12.09 -26.75 -9.07
N ASN A 450 12.56 -27.18 -7.93
CA ASN A 450 11.76 -28.06 -7.14
C ASN A 450 10.62 -27.15 -6.72
N GLU A 455 4.39 -23.54 -9.32
CA GLU A 455 3.02 -23.43 -9.79
C GLU A 455 2.69 -21.98 -10.15
N THR A 456 3.34 -21.05 -9.46
CA THR A 456 3.12 -19.64 -9.70
C THR A 456 3.68 -19.22 -11.05
N THR A 457 3.16 -18.12 -11.58
CA THR A 457 3.74 -17.49 -12.75
C THR A 457 4.86 -16.52 -12.39
N LEU A 458 4.95 -16.09 -11.13
CA LEU A 458 5.96 -15.11 -10.72
C LEU A 458 7.29 -15.79 -10.41
N SER A 459 8.35 -14.98 -10.36
CA SER A 459 9.70 -15.49 -10.25
C SER A 459 9.97 -16.10 -8.88
N GLY A 460 10.80 -17.14 -8.87
CA GLY A 460 11.25 -17.76 -7.64
C GLY A 460 12.40 -17.06 -6.96
N ALA A 461 12.95 -16.02 -7.57
CA ALA A 461 14.11 -15.34 -7.01
C ALA A 461 13.78 -14.69 -5.67
N MET A 462 14.72 -14.77 -4.73
CA MET A 462 14.64 -14.08 -3.46
C MET A 462 15.50 -12.82 -3.53
N LYS A 463 14.96 -11.71 -3.04
CA LYS A 463 15.59 -10.39 -3.02
C LYS A 463 15.80 -9.91 -1.59
N PRO A 464 16.78 -9.04 -1.35
CA PRO A 464 16.82 -8.32 -0.07
C PRO A 464 15.62 -7.40 0.02
N LEU A 465 14.85 -7.55 1.09
CA LEU A 465 13.61 -6.78 1.26
C LEU A 465 13.90 -5.49 2.03
N CYS A 466 14.33 -5.61 3.28
CA CYS A 466 14.88 -4.45 3.97
C CYS A 466 15.74 -4.92 5.12
N ILE A 467 16.61 -4.02 5.55
CA ILE A 467 17.35 -4.19 6.81
C ILE A 467 16.51 -3.59 7.90
N PRO A 468 15.89 -4.40 8.77
CA PRO A 468 14.86 -3.87 9.68
C PRO A 468 15.45 -2.85 10.65
N LEU A 469 14.66 -1.81 10.95
CA LEU A 469 15.10 -0.81 11.92
C LEU A 469 15.33 -1.46 13.28
N ASP A 470 14.52 -2.45 13.60
CA ASP A 470 14.61 -3.19 14.86
C ASP A 470 15.54 -4.37 14.62
N GLN A 471 16.80 -4.26 15.10
CA GLN A 471 17.82 -5.25 14.82
C GLN A 471 18.00 -6.17 16.02
N PRO A 472 17.99 -7.48 15.84
CA PRO A 472 18.50 -8.38 16.89
C PRO A 472 19.98 -8.14 17.10
N PRO A 473 20.54 -8.55 18.24
CA PRO A 473 22.00 -8.43 18.41
C PRO A 473 22.75 -9.27 17.39
N MET A 474 23.87 -8.73 16.90
CA MET A 474 24.77 -9.47 16.02
C MET A 474 25.87 -10.11 16.85
N PRO A 475 25.87 -11.43 17.02
CA PRO A 475 26.91 -12.09 17.82
C PRO A 475 28.30 -11.75 17.33
N PRO A 476 29.32 -11.83 18.23
CA PRO A 476 30.67 -11.31 17.92
C PRO A 476 31.25 -11.68 16.55
N ASN A 477 31.28 -12.96 16.21
CA ASN A 477 31.96 -13.41 14.99
C ASN A 477 30.98 -14.02 13.98
N MET A 478 29.72 -13.61 14.01
CA MET A 478 28.75 -14.17 13.08
C MET A 478 29.14 -13.83 11.64
N LYS A 479 29.13 -14.84 10.78
CA LYS A 479 29.49 -14.63 9.38
C LYS A 479 28.25 -14.47 8.50
N CYS A 480 28.47 -13.87 7.34
CA CYS A 480 27.40 -13.64 6.37
C CYS A 480 26.89 -14.98 5.87
N PHE A 481 25.56 -15.14 5.83
CA PHE A 481 24.97 -16.42 5.43
C PHE A 481 25.30 -16.81 4.01
N TRP A 482 25.73 -15.86 3.19
CA TRP A 482 26.01 -16.10 1.78
C TRP A 482 27.51 -16.13 1.48
N SER A 483 28.23 -15.10 1.90
CA SER A 483 29.61 -14.93 1.51
C SER A 483 30.60 -15.54 2.49
N GLY A 484 30.18 -15.84 3.72
CA GLY A 484 31.12 -16.27 4.74
C GLY A 484 31.94 -15.15 5.37
N LYS A 485 31.93 -13.96 4.79
CA LYS A 485 32.62 -12.81 5.36
C LYS A 485 31.92 -12.36 6.64
N PRO A 486 32.55 -11.48 7.43
CA PRO A 486 31.88 -11.00 8.65
C PRO A 486 30.54 -10.36 8.33
N ALA A 487 29.51 -10.74 9.09
CA ALA A 487 28.18 -10.17 8.88
C ALA A 487 28.07 -8.80 9.53
N LYS A 488 27.42 -7.88 8.82
CA LYS A 488 27.21 -6.54 9.39
C LYS A 488 25.86 -6.45 10.10
N ARG A 489 24.76 -6.72 9.40
CA ARG A 489 23.46 -6.61 10.05
C ARG A 489 22.55 -7.74 9.62
N TRP A 490 21.40 -7.85 10.31
CA TRP A 490 20.36 -8.81 9.91
C TRP A 490 19.50 -8.18 8.82
N CYS A 491 19.17 -8.96 7.80
CA CYS A 491 18.41 -8.41 6.69
C CYS A 491 17.31 -9.39 6.32
N LEU A 492 16.13 -8.89 5.97
CA LEU A 492 15.02 -9.72 5.52
C LEU A 492 15.16 -9.99 4.03
N PHE A 493 15.03 -11.25 3.64
CA PHE A 493 15.04 -11.67 2.24
C PHE A 493 13.79 -12.47 1.95
N GLY A 494 13.26 -12.34 0.74
CA GLY A 494 12.19 -13.23 0.32
C GLY A 494 11.79 -12.98 -1.12
N ARG A 495 10.90 -13.84 -1.60
CA ARG A 495 10.26 -13.60 -2.88
C ARG A 495 9.32 -12.43 -2.74
N SER A 496 9.01 -11.77 -3.86
CA SER A 496 8.31 -10.51 -3.77
CA SER A 496 8.36 -10.46 -3.80
C SER A 496 7.54 -10.24 -5.06
N TYR A 497 6.66 -9.25 -4.96
CA TYR A 497 5.93 -8.72 -6.11
C TYR A 497 6.75 -7.60 -6.74
C4 JE6 B . 4.91 0.17 -8.88
C14 JE6 B . 6.85 0.76 -6.88
C5 JE6 B . 3.95 -0.12 -9.86
C6 JE6 B . 5.51 -0.74 -11.67
C11 JE6 B . 4.31 -4.77 -14.50
C7 JE6 B . 5.57 -0.88 -13.18
C8 JE6 B . 5.13 -2.24 -13.64
C9 JE6 B . 4.07 -2.38 -14.54
C10 JE6 B . 3.67 -3.64 -14.96
C12 JE6 B . 5.36 -4.64 -13.62
C13 JE6 B . 5.77 -3.39 -13.19
C3 JE6 B . 4.45 0.49 -7.61
C1 JE6 B . 2.20 0.19 -8.39
C15 JE6 B . 7.51 0.97 -5.53
C16 JE6 B . 6.44 1.77 -4.75
C17 JE6 B . 6.43 1.60 -3.28
C18 JE6 B . 6.40 3.26 -5.19
C19 JE6 B . 5.97 4.37 -4.26
C2 JE6 B . 3.08 0.51 -7.35
C20 JE6 B . 7.39 4.30 -4.68
C21 JE6 B . 5.14 1.31 -5.34
O1 JE6 B . 4.06 1.33 -4.79
N JE6 B . 4.30 -0.38 -11.19
C JE6 B . 0.72 0.18 -8.16
O JE6 B . 6.49 -0.96 -10.96
N1 JE6 B . 2.63 -0.13 -9.62
N2 JE6 B . 5.41 0.82 -6.59
N3 JE6 B . 6.38 1.47 -2.16
N 02A C . 9.67 9.48 -6.02
CA 02A C . 10.08 8.33 -5.18
C 02A C . 9.74 7.01 -5.82
O 02A C . 9.22 6.94 -6.93
C27 02A C . 9.13 8.83 -4.06
C26 02A C . 8.54 9.80 -5.10
OXT 02A C . 10.05 5.98 -5.10
C1 EDO D . -14.46 9.63 2.50
O1 EDO D . -14.88 10.16 1.24
C2 EDO D . -13.65 10.68 3.25
O2 EDO D . -12.89 11.44 2.31
C1 EDO E . 19.52 -0.80 11.30
O1 EDO E . 20.85 -0.27 11.23
C2 EDO E . 18.62 -0.04 10.32
O2 EDO E . 18.72 1.37 10.58
C1 EDO F . 21.79 -23.57 -14.49
O1 EDO F . 23.11 -23.05 -14.66
C2 EDO F . 20.94 -22.47 -13.87
O2 EDO F . 21.06 -21.30 -14.67
C ACT G . 12.13 2.02 -4.47
O ACT G . 11.82 1.81 -5.66
OXT ACT G . 11.37 2.64 -3.69
CH3 ACT G . 13.43 1.51 -3.96
C1 BU1 H . 21.55 3.77 6.95
C2 BU1 H . 20.15 4.23 7.21
C3 BU1 H . 19.91 5.58 7.87
C4 BU1 H . 19.75 5.59 9.37
O5 BU1 H . 21.91 2.62 7.70
O6 BU1 H . 19.41 6.89 9.83
#